data_3H8C
#
_entry.id   3H8C
#
_cell.length_a   57.922
_cell.length_b   59.011
_cell.length_c   132.616
_cell.angle_alpha   90.00
_cell.angle_beta   90.00
_cell.angle_gamma   90.00
#
_symmetry.space_group_name_H-M   'P 21 21 21'
#
loop_
_entity.id
_entity.type
_entity.pdbx_description
1 polymer 'Cathepsin L1'
2 non-polymer N-(biphenyl-4-ylacetyl)-S-methyl-L-cysteinyl-D-arginyl-N-(2-phenylethyl)-L-phenylalaninamide
3 water water
#
_entity_poly.entity_id   1
_entity_poly.type   'polypeptide(L)'
_entity_poly.pdbx_seq_one_letter_code
;APRSVDWREKGYVTPVKNQGQCGS(CSD)WAFSATGALEGQMFRKTGRLISLSEQNLVDCSGPQGNEGCNGGLMDYAFQY
VQDNGGLDSEESYPYEATEESCKYNPKYSVANDTGFVDIPKQEKALMKAVATVGPISVAIDAGHESFLFYKEGIYFEPDC
SSEDMDHGVLVVGYGFESTESDNNKYWLVKNSWGEEWGMGGYVKMAKDRRNHCGIASAASYPTV
;
_entity_poly.pdbx_strand_id   A,B
#
loop_
_chem_comp.id
_chem_comp.type
_chem_comp.name
_chem_comp.formula
NSZ non-polymer N-(biphenyl-4-ylacetyl)-S-methyl-L-cysteinyl-D-arginyl-N-(2-phenylethyl)-L-phenylalaninamide 'C41 H49 N7 O4 S'
#
# COMPACT_ATOMS: atom_id res chain seq x y z
N ALA A 1 14.98 -27.83 20.09
CA ALA A 1 15.00 -26.51 19.38
C ALA A 1 15.34 -26.69 17.90
N PRO A 2 14.35 -27.11 17.09
CA PRO A 2 14.51 -27.35 15.65
C PRO A 2 15.13 -26.23 14.80
N ARG A 3 15.59 -26.64 13.61
CA ARG A 3 16.22 -25.75 12.65
C ARG A 3 15.20 -24.82 12.01
N SER A 4 14.13 -25.43 11.48
CA SER A 4 13.05 -24.71 10.83
C SER A 4 11.72 -25.15 11.40
N VAL A 5 10.73 -24.29 11.29
CA VAL A 5 9.38 -24.60 11.75
C VAL A 5 8.43 -23.83 10.83
N ASP A 6 7.31 -24.46 10.50
CA ASP A 6 6.30 -23.84 9.66
C ASP A 6 4.98 -24.51 9.95
N TRP A 7 4.22 -23.93 10.87
CA TRP A 7 2.93 -24.46 11.28
C TRP A 7 1.88 -24.56 10.19
N ARG A 8 2.17 -24.02 9.02
CA ARG A 8 1.20 -24.10 7.92
C ARG A 8 1.17 -25.53 7.42
N GLU A 9 2.30 -26.21 7.53
CA GLU A 9 2.42 -27.60 7.10
C GLU A 9 1.60 -28.56 7.96
N LYS A 10 1.17 -28.13 9.14
CA LYS A 10 0.41 -29.01 10.04
C LYS A 10 -1.08 -28.67 10.21
N GLY A 11 -1.61 -27.78 9.39
CA GLY A 11 -3.02 -27.44 9.48
C GLY A 11 -3.44 -26.52 10.60
N TYR A 12 -2.51 -25.69 11.09
CA TYR A 12 -2.82 -24.75 12.18
C TYR A 12 -3.27 -23.38 11.69
N VAL A 13 -2.96 -23.06 10.44
CA VAL A 13 -3.26 -21.74 9.89
C VAL A 13 -4.39 -21.66 8.88
N THR A 14 -5.26 -20.66 9.06
CA THR A 14 -6.36 -20.42 8.14
C THR A 14 -5.81 -19.59 6.98
N PRO A 15 -6.55 -19.51 5.86
CA PRO A 15 -6.06 -18.71 4.73
C PRO A 15 -5.78 -17.27 5.17
N VAL A 16 -5.22 -16.47 4.29
CA VAL A 16 -4.96 -15.08 4.61
C VAL A 16 -6.25 -14.27 4.53
N LYS A 17 -6.43 -13.40 5.51
CA LYS A 17 -7.60 -12.54 5.61
C LYS A 17 -7.20 -11.10 5.34
N ASN A 18 -8.22 -10.23 5.24
CA ASN A 18 -8.00 -8.82 4.94
C ASN A 18 -8.75 -7.91 5.92
N GLN A 19 -8.02 -7.20 6.77
CA GLN A 19 -8.66 -6.30 7.72
C GLN A 19 -9.32 -5.12 7.03
N GLY A 20 -9.08 -4.97 5.73
CA GLY A 20 -9.68 -3.86 5.02
C GLY A 20 -9.18 -2.54 5.59
N GLN A 21 -9.94 -1.47 5.39
CA GLN A 21 -9.50 -0.18 5.88
C GLN A 21 -10.12 0.05 7.25
N CYS A 22 -9.53 -0.66 8.23
CA CYS A 22 -9.95 -0.63 9.61
C CYS A 22 -8.75 -1.06 10.46
N GLY A 23 -8.47 -0.31 11.53
CA GLY A 23 -7.34 -0.63 12.38
C GLY A 23 -7.62 -1.78 13.32
N SER A 24 -8.02 -2.90 12.74
CA SER A 24 -8.38 -4.10 13.49
C SER A 24 -7.33 -5.21 13.41
N CSD A 25 -6.08 -4.84 13.15
CA CSD A 25 -5.01 -5.82 13.04
CB CSD A 25 -3.67 -5.19 12.70
SG CSD A 25 -3.20 -3.79 13.79
C CSD A 25 -4.85 -6.64 14.32
O CSD A 25 -4.50 -7.81 14.27
OD1 CSD A 25 -4.25 -2.87 13.63
OD2 CSD A 25 -1.93 -3.41 13.25
N TRP A 26 -5.11 -6.02 15.47
CA TRP A 26 -4.99 -6.73 16.73
C TRP A 26 -5.97 -7.90 16.75
N ALA A 27 -7.15 -7.67 16.19
CA ALA A 27 -8.18 -8.69 16.16
C ALA A 27 -7.80 -9.89 15.27
N PHE A 28 -7.20 -9.61 14.10
CA PHE A 28 -6.80 -10.68 13.19
C PHE A 28 -5.63 -11.46 13.79
N SER A 29 -4.73 -10.73 14.43
CA SER A 29 -3.58 -11.35 15.08
C SER A 29 -4.15 -12.31 16.16
N ALA A 30 -5.15 -11.84 16.89
CA ALA A 30 -5.79 -12.60 17.96
C ALA A 30 -6.48 -13.86 17.44
N THR A 31 -7.39 -13.69 16.47
CA THR A 31 -8.10 -14.84 15.92
C THR A 31 -7.09 -15.84 15.39
N GLY A 32 -6.02 -15.33 14.77
CA GLY A 32 -4.99 -16.19 14.22
C GLY A 32 -4.37 -17.09 15.26
N ALA A 33 -3.96 -16.50 16.38
CA ALA A 33 -3.34 -17.26 17.46
C ALA A 33 -4.32 -18.23 18.09
N LEU A 34 -5.57 -17.77 18.23
CA LEU A 34 -6.63 -18.57 18.81
C LEU A 34 -6.98 -19.77 17.91
N GLU A 35 -7.12 -19.50 16.61
CA GLU A 35 -7.42 -20.52 15.63
C GLU A 35 -6.40 -21.65 15.72
N GLY A 36 -5.13 -21.28 15.88
CA GLY A 36 -4.07 -22.25 16.01
C GLY A 36 -4.12 -23.09 17.30
N GLN A 37 -4.50 -22.48 18.43
CA GLN A 37 -4.57 -23.24 19.68
C GLN A 37 -5.74 -24.20 19.68
N MET A 38 -6.92 -23.70 19.29
CA MET A 38 -8.12 -24.53 19.22
C MET A 38 -7.80 -25.76 18.36
N PHE A 39 -7.10 -25.54 17.24
CA PHE A 39 -6.75 -26.64 16.38
C PHE A 39 -5.91 -27.64 17.16
N ARG A 40 -4.84 -27.16 17.80
CA ARG A 40 -3.96 -28.04 18.58
C ARG A 40 -4.75 -28.80 19.63
N LYS A 41 -5.88 -28.23 20.05
CA LYS A 41 -6.73 -28.85 21.06
C LYS A 41 -7.76 -29.81 20.47
N THR A 42 -8.69 -29.28 19.69
CA THR A 42 -9.76 -30.07 19.11
C THR A 42 -9.37 -30.86 17.85
N GLY A 43 -8.33 -30.41 17.15
CA GLY A 43 -7.92 -31.08 15.95
C GLY A 43 -8.66 -30.48 14.76
N ARG A 44 -9.59 -29.59 15.05
CA ARG A 44 -10.37 -28.91 14.01
C ARG A 44 -9.99 -27.44 13.85
N LEU A 45 -9.71 -27.04 12.62
CA LEU A 45 -9.35 -25.66 12.32
C LEU A 45 -10.60 -24.96 11.86
N ILE A 46 -11.05 -23.94 12.60
CA ILE A 46 -12.24 -23.16 12.26
C ILE A 46 -11.95 -21.67 12.35
N SER A 47 -12.23 -20.95 11.26
CA SER A 47 -12.00 -19.51 11.21
C SER A 47 -12.85 -18.78 12.27
N LEU A 48 -12.22 -17.86 13.00
CA LEU A 48 -12.90 -17.09 14.04
C LEU A 48 -13.28 -15.71 13.55
N SER A 49 -14.21 -15.06 14.25
CA SER A 49 -14.72 -13.75 13.88
C SER A 49 -13.97 -12.54 14.46
N GLU A 50 -13.41 -11.72 13.57
CA GLU A 50 -12.69 -10.52 13.98
C GLU A 50 -13.71 -9.41 14.27
N GLN A 51 -14.82 -9.42 13.53
CA GLN A 51 -15.86 -8.42 13.74
C GLN A 51 -16.42 -8.60 15.15
N ASN A 52 -16.43 -9.85 15.61
CA ASN A 52 -16.91 -10.17 16.95
C ASN A 52 -15.99 -9.43 17.93
N LEU A 53 -14.68 -9.53 17.69
CA LEU A 53 -13.70 -8.86 18.54
C LEU A 53 -13.82 -7.33 18.45
N VAL A 54 -13.91 -6.81 17.23
CA VAL A 54 -14.01 -5.37 17.02
C VAL A 54 -15.26 -4.73 17.64
N ASP A 55 -16.39 -5.44 17.62
CA ASP A 55 -17.63 -4.89 18.15
C ASP A 55 -17.88 -4.98 19.66
N CYS A 56 -17.40 -6.03 20.31
CA CYS A 56 -17.65 -6.22 21.72
C CYS A 56 -16.48 -6.14 22.70
N SER A 57 -15.25 -5.98 22.21
CA SER A 57 -14.12 -5.96 23.15
C SER A 57 -13.72 -4.58 23.67
N GLY A 58 -14.67 -3.65 23.66
CA GLY A 58 -14.41 -2.31 24.17
C GLY A 58 -14.13 -2.34 25.66
N PRO A 59 -14.90 -3.12 26.44
CA PRO A 59 -14.69 -3.21 27.90
C PRO A 59 -13.27 -3.61 28.27
N GLN A 60 -12.68 -4.54 27.53
CA GLN A 60 -11.31 -4.98 27.82
C GLN A 60 -10.27 -3.94 27.46
N GLY A 61 -10.66 -2.94 26.66
CA GLY A 61 -9.72 -1.90 26.29
C GLY A 61 -9.48 -1.65 24.81
N ASN A 62 -10.11 -2.44 23.94
CA ASN A 62 -9.93 -2.25 22.51
C ASN A 62 -10.82 -1.14 21.97
N GLU A 63 -10.38 -0.53 20.87
CA GLU A 63 -11.11 0.58 20.24
C GLU A 63 -11.62 0.25 18.85
N GLY A 64 -11.99 -1.01 18.62
CA GLY A 64 -12.50 -1.41 17.32
C GLY A 64 -11.59 -1.08 16.15
N CYS A 65 -12.12 -0.36 15.18
CA CYS A 65 -11.32 0.01 14.01
C CYS A 65 -10.30 1.08 14.33
N ASN A 66 -10.29 1.53 15.58
CA ASN A 66 -9.34 2.54 15.98
C ASN A 66 -8.19 2.01 16.82
N GLY A 67 -8.11 0.69 16.99
CA GLY A 67 -7.01 0.13 17.75
C GLY A 67 -7.36 -0.89 18.79
N GLY A 68 -6.32 -1.53 19.31
CA GLY A 68 -6.51 -2.56 20.32
C GLY A 68 -5.25 -3.38 20.50
N LEU A 69 -5.34 -4.40 21.35
CA LEU A 69 -4.22 -5.28 21.64
C LEU A 69 -4.72 -6.72 21.54
N MET A 70 -3.83 -7.64 21.21
CA MET A 70 -4.21 -9.04 21.12
C MET A 70 -4.60 -9.55 22.51
N ASP A 71 -3.91 -9.06 23.55
CA ASP A 71 -4.22 -9.51 24.90
C ASP A 71 -5.60 -9.07 25.37
N TYR A 72 -6.05 -7.89 24.95
CA TYR A 72 -7.38 -7.42 25.32
C TYR A 72 -8.39 -8.33 24.64
N ALA A 73 -7.98 -8.92 23.52
CA ALA A 73 -8.85 -9.83 22.78
C ALA A 73 -8.93 -11.18 23.51
N PHE A 74 -7.79 -11.70 23.94
CA PHE A 74 -7.83 -12.96 24.64
C PHE A 74 -8.65 -12.77 25.93
N GLN A 75 -8.43 -11.65 26.63
CA GLN A 75 -9.15 -11.35 27.85
C GLN A 75 -10.66 -11.33 27.59
N TYR A 76 -11.08 -10.58 26.58
CA TYR A 76 -12.49 -10.51 26.23
C TYR A 76 -13.03 -11.93 26.03
N VAL A 77 -12.31 -12.73 25.24
CA VAL A 77 -12.72 -14.11 24.98
C VAL A 77 -12.82 -14.89 26.30
N GLN A 78 -12.03 -14.49 27.28
CA GLN A 78 -12.06 -15.17 28.56
C GLN A 78 -13.26 -14.73 29.41
N ASP A 79 -13.48 -13.43 29.52
CA ASP A 79 -14.59 -12.90 30.31
C ASP A 79 -15.96 -13.15 29.69
N ASN A 80 -15.98 -13.41 28.37
CA ASN A 80 -17.22 -13.63 27.66
C ASN A 80 -17.55 -15.11 27.50
N GLY A 81 -16.58 -15.96 27.84
CA GLY A 81 -16.78 -17.40 27.72
C GLY A 81 -17.19 -17.84 26.32
N GLY A 82 -16.29 -17.71 25.35
CA GLY A 82 -16.59 -18.10 23.98
C GLY A 82 -16.42 -16.98 22.96
N LEU A 83 -16.37 -17.36 21.69
CA LEU A 83 -16.22 -16.40 20.59
C LEU A 83 -16.86 -17.01 19.34
N ASP A 84 -17.71 -16.23 18.68
CA ASP A 84 -18.41 -16.69 17.47
C ASP A 84 -17.52 -16.95 16.27
N SER A 85 -17.85 -17.98 15.49
CA SER A 85 -17.08 -18.33 14.30
C SER A 85 -17.17 -17.22 13.27
N GLU A 86 -16.26 -17.23 12.30
CA GLU A 86 -16.22 -16.23 11.25
C GLU A 86 -17.48 -16.23 10.39
N GLU A 87 -17.95 -17.43 10.06
CA GLU A 87 -19.14 -17.61 9.24
C GLU A 87 -20.38 -16.98 9.91
N SER A 88 -20.57 -17.32 11.18
CA SER A 88 -21.69 -16.84 11.96
C SER A 88 -21.66 -15.32 12.16
N TYR A 89 -20.47 -14.77 12.39
CA TYR A 89 -20.29 -13.33 12.61
C TYR A 89 -19.31 -12.80 11.56
N PRO A 90 -19.78 -12.62 10.30
CA PRO A 90 -18.96 -12.13 9.19
C PRO A 90 -18.30 -10.77 9.43
N TYR A 91 -17.15 -10.56 8.78
CA TYR A 91 -16.36 -9.33 8.89
C TYR A 91 -16.89 -8.21 7.98
N GLU A 92 -17.02 -7.00 8.53
CA GLU A 92 -17.54 -5.87 7.76
C GLU A 92 -16.61 -4.66 7.68
N ALA A 93 -15.40 -4.81 8.21
CA ALA A 93 -14.40 -3.73 8.18
C ALA A 93 -14.95 -2.39 8.66
N THR A 94 -15.75 -2.42 9.71
CA THR A 94 -16.32 -1.22 10.28
C THR A 94 -16.92 -1.61 11.62
N GLU A 95 -16.97 -0.66 12.55
CA GLU A 95 -17.50 -0.94 13.87
C GLU A 95 -19.03 -0.92 13.92
N GLU A 96 -19.60 -2.06 14.31
CA GLU A 96 -21.04 -2.21 14.41
C GLU A 96 -21.39 -2.46 15.88
N SER A 97 -22.66 -2.77 16.12
CA SER A 97 -23.14 -3.04 17.48
C SER A 97 -22.77 -4.47 17.84
N CYS A 98 -22.51 -4.71 19.12
CA CYS A 98 -22.15 -6.05 19.55
C CYS A 98 -23.32 -7.00 19.28
N LYS A 99 -23.03 -8.14 18.64
CA LYS A 99 -24.04 -9.13 18.32
C LYS A 99 -23.60 -10.54 18.67
N TYR A 100 -22.77 -10.65 19.71
CA TYR A 100 -22.29 -11.96 20.13
C TYR A 100 -23.46 -12.90 20.41
N ASN A 101 -23.27 -14.18 20.10
CA ASN A 101 -24.31 -15.18 20.32
C ASN A 101 -23.72 -16.53 20.73
N PRO A 102 -23.81 -16.87 22.04
CA PRO A 102 -23.28 -18.12 22.59
C PRO A 102 -23.60 -19.35 21.75
N LYS A 103 -24.74 -19.32 21.08
CA LYS A 103 -25.14 -20.45 20.26
C LYS A 103 -24.13 -20.73 19.15
N TYR A 104 -23.34 -19.71 18.80
CA TYR A 104 -22.37 -19.85 17.73
C TYR A 104 -20.89 -19.86 18.14
N SER A 105 -20.62 -19.73 19.43
CA SER A 105 -19.25 -19.74 19.90
C SER A 105 -18.59 -21.05 19.49
N VAL A 106 -17.41 -20.96 18.89
CA VAL A 106 -16.68 -22.15 18.46
C VAL A 106 -15.30 -22.22 19.08
N ALA A 107 -14.99 -21.25 19.92
CA ALA A 107 -13.69 -21.23 20.56
C ALA A 107 -13.74 -20.53 21.89
N ASN A 108 -12.66 -20.69 22.66
CA ASN A 108 -12.56 -20.06 23.96
C ASN A 108 -11.18 -20.33 24.54
N ASP A 109 -10.73 -19.43 25.40
CA ASP A 109 -9.44 -19.61 26.06
C ASP A 109 -9.63 -19.32 27.53
N THR A 110 -8.58 -19.47 28.30
CA THR A 110 -8.66 -19.21 29.72
C THR A 110 -7.44 -18.40 30.11
N GLY A 111 -7.19 -17.34 29.34
CA GLY A 111 -6.06 -16.49 29.61
C GLY A 111 -5.12 -16.47 28.44
N PHE A 112 -3.87 -16.10 28.73
CA PHE A 112 -2.84 -16.01 27.71
C PHE A 112 -1.48 -15.96 28.37
N VAL A 113 -0.44 -16.18 27.58
CA VAL A 113 0.92 -16.17 28.10
C VAL A 113 1.80 -15.15 27.40
N ASP A 114 2.21 -14.11 28.13
CA ASP A 114 3.10 -13.10 27.56
C ASP A 114 4.49 -13.71 27.56
N ILE A 115 5.10 -13.81 26.38
CA ILE A 115 6.43 -14.39 26.24
C ILE A 115 7.54 -13.42 26.61
N PRO A 116 8.60 -13.90 27.26
CA PRO A 116 9.71 -13.03 27.63
C PRO A 116 10.22 -12.30 26.38
N LYS A 117 10.53 -11.02 26.52
CA LYS A 117 10.97 -10.21 25.38
C LYS A 117 12.35 -10.50 24.79
N GLN A 118 12.58 -11.76 24.44
CA GLN A 118 13.85 -12.19 23.82
C GLN A 118 13.53 -13.09 22.64
N GLU A 119 14.23 -12.91 21.53
CA GLU A 119 13.99 -13.74 20.36
C GLU A 119 14.16 -15.23 20.60
N LYS A 120 15.07 -15.59 21.50
CA LYS A 120 15.29 -17.00 21.81
C LYS A 120 14.02 -17.54 22.49
N ALA A 121 13.39 -16.68 23.28
CA ALA A 121 12.17 -17.05 23.99
C ALA A 121 11.03 -17.23 23.00
N LEU A 122 10.97 -16.35 22.01
CA LEU A 122 9.94 -16.41 20.99
C LEU A 122 10.06 -17.73 20.21
N MET A 123 11.30 -18.06 19.86
CA MET A 123 11.63 -19.27 19.10
C MET A 123 11.14 -20.55 19.75
N LYS A 124 11.15 -20.61 21.08
CA LYS A 124 10.70 -21.79 21.80
C LYS A 124 9.17 -21.87 21.85
N ALA A 125 8.54 -20.72 22.00
CA ALA A 125 7.08 -20.66 22.05
C ALA A 125 6.57 -21.10 20.68
N VAL A 126 7.21 -20.57 19.64
CA VAL A 126 6.86 -20.88 18.27
C VAL A 126 7.07 -22.37 17.99
N ALA A 127 8.22 -22.89 18.41
CA ALA A 127 8.57 -24.30 18.21
C ALA A 127 7.73 -25.25 19.05
N THR A 128 7.30 -24.82 20.23
CA THR A 128 6.52 -25.70 21.10
C THR A 128 5.06 -25.35 21.40
N VAL A 129 4.52 -24.29 20.80
CA VAL A 129 3.14 -23.91 21.07
C VAL A 129 2.31 -23.76 19.80
N GLY A 130 2.91 -23.14 18.79
CA GLY A 130 2.21 -22.92 17.53
C GLY A 130 2.29 -21.47 17.14
N PRO A 131 1.36 -20.97 16.31
CA PRO A 131 1.34 -19.57 15.87
C PRO A 131 1.27 -18.59 17.05
N ILE A 132 2.13 -17.58 17.02
CA ILE A 132 2.21 -16.60 18.09
C ILE A 132 1.85 -15.18 17.64
N SER A 133 0.99 -14.51 18.40
CA SER A 133 0.63 -13.13 18.09
C SER A 133 1.81 -12.26 18.49
N VAL A 134 2.23 -11.36 17.60
CA VAL A 134 3.34 -10.46 17.91
C VAL A 134 3.02 -9.12 17.29
N ALA A 135 3.81 -8.11 17.66
CA ALA A 135 3.62 -6.78 17.12
C ALA A 135 4.93 -6.33 16.52
N ILE A 136 4.89 -5.82 15.30
CA ILE A 136 6.10 -5.36 14.65
C ILE A 136 5.91 -3.91 14.23
N ASP A 137 7.00 -3.26 13.87
CA ASP A 137 6.93 -1.88 13.39
C ASP A 137 6.72 -2.05 11.90
N ALA A 138 5.52 -1.74 11.42
CA ALA A 138 5.22 -1.85 10.00
C ALA A 138 4.87 -0.49 9.42
N GLY A 139 5.28 0.58 10.10
CA GLY A 139 4.99 1.92 9.63
C GLY A 139 5.96 2.44 8.58
N HIS A 140 6.52 1.56 7.76
CA HIS A 140 7.46 1.98 6.72
C HIS A 140 7.01 1.56 5.33
N GLU A 141 7.06 2.51 4.40
CA GLU A 141 6.64 2.26 3.02
C GLU A 141 7.25 0.98 2.46
N SER A 142 8.46 0.65 2.91
CA SER A 142 9.12 -0.56 2.42
C SER A 142 8.36 -1.83 2.81
N PHE A 143 7.80 -1.84 4.03
CA PHE A 143 7.04 -2.99 4.48
C PHE A 143 5.74 -3.08 3.69
N LEU A 144 5.06 -1.94 3.52
CA LEU A 144 3.81 -1.88 2.76
C LEU A 144 4.01 -2.47 1.37
N PHE A 145 5.15 -2.16 0.75
CA PHE A 145 5.44 -2.65 -0.58
C PHE A 145 6.44 -3.78 -0.62
N TYR A 146 6.49 -4.54 0.46
CA TYR A 146 7.37 -5.68 0.52
C TYR A 146 6.79 -6.65 -0.53
N LYS A 147 7.62 -7.20 -1.41
CA LYS A 147 7.11 -8.12 -2.42
C LYS A 147 7.49 -9.56 -2.10
N GLU A 148 8.75 -9.77 -1.72
CA GLU A 148 9.26 -11.08 -1.36
C GLU A 148 10.70 -10.97 -0.90
N GLY A 149 11.19 -11.99 -0.21
CA GLY A 149 12.55 -11.99 0.29
C GLY A 149 12.56 -11.86 1.79
N ILE A 150 13.73 -11.63 2.37
CA ILE A 150 13.84 -11.47 3.81
C ILE A 150 13.80 -9.97 4.13
N TYR A 151 12.72 -9.53 4.75
CA TYR A 151 12.55 -8.13 5.08
C TYR A 151 13.51 -7.67 6.15
N PHE A 152 14.15 -6.53 5.91
CA PHE A 152 15.08 -5.93 6.86
C PHE A 152 14.97 -4.42 6.76
N GLU A 153 14.57 -3.77 7.85
CA GLU A 153 14.45 -2.32 7.85
C GLU A 153 15.41 -1.67 8.87
N PRO A 154 16.54 -1.14 8.39
CA PRO A 154 17.54 -0.50 9.25
C PRO A 154 17.01 0.79 9.87
N ASP A 155 15.71 1.02 9.73
CA ASP A 155 15.08 2.21 10.28
C ASP A 155 13.96 1.77 11.20
N CYS A 156 13.73 0.46 11.26
CA CYS A 156 12.70 -0.13 12.10
C CYS A 156 12.98 0.11 13.57
N SER A 157 11.92 0.44 14.32
CA SER A 157 12.06 0.65 15.76
C SER A 157 11.72 -0.65 16.46
N SER A 158 12.50 -0.97 17.49
CA SER A 158 12.26 -2.20 18.23
C SER A 158 11.41 -1.89 19.45
N GLU A 159 11.07 -0.61 19.62
CA GLU A 159 10.28 -0.19 20.75
C GLU A 159 8.90 0.36 20.42
N ASP A 160 8.66 0.72 19.16
CA ASP A 160 7.33 1.22 18.81
C ASP A 160 6.66 0.43 17.70
N MET A 161 6.24 -0.79 18.05
CA MET A 161 5.56 -1.65 17.11
C MET A 161 4.13 -1.10 16.98
N ASP A 162 3.61 -1.06 15.76
CA ASP A 162 2.27 -0.53 15.54
C ASP A 162 1.33 -1.49 14.83
N HIS A 163 1.85 -2.65 14.46
CA HIS A 163 1.09 -3.65 13.72
C HIS A 163 1.12 -5.06 14.31
N GLY A 164 -0.05 -5.57 14.69
CA GLY A 164 -0.11 -6.91 15.23
C GLY A 164 -0.12 -7.91 14.08
N VAL A 165 0.56 -9.04 14.25
CA VAL A 165 0.64 -10.07 13.22
C VAL A 165 0.82 -11.47 13.80
N LEU A 166 0.98 -12.47 12.92
CA LEU A 166 1.09 -13.84 13.37
C LEU A 166 2.38 -14.50 12.90
N VAL A 167 3.16 -15.00 13.85
CA VAL A 167 4.39 -15.69 13.50
C VAL A 167 4.00 -17.17 13.38
N VAL A 168 4.14 -17.74 12.18
CA VAL A 168 3.77 -19.13 11.96
C VAL A 168 4.96 -20.10 11.87
N GLY A 169 6.17 -19.57 12.01
CA GLY A 169 7.35 -20.42 11.95
C GLY A 169 8.65 -19.64 11.77
N TYR A 170 9.70 -20.34 11.37
CA TYR A 170 10.99 -19.72 11.14
C TYR A 170 11.93 -20.71 10.47
N GLY A 171 12.93 -20.19 9.78
CA GLY A 171 13.89 -21.03 9.10
C GLY A 171 15.05 -20.20 8.57
N PHE A 172 15.54 -20.55 7.40
CA PHE A 172 16.67 -19.84 6.81
C PHE A 172 16.83 -20.20 5.33
N GLU A 173 17.39 -19.28 4.57
CA GLU A 173 17.62 -19.52 3.15
C GLU A 173 19.06 -19.92 2.89
N SER A 174 19.25 -20.77 1.89
CA SER A 174 20.57 -21.26 1.52
C SER A 174 21.42 -20.19 0.84
N ASN A 180 20.62 -14.62 7.32
CA ASN A 180 19.85 -15.49 6.45
C ASN A 180 18.75 -16.24 7.22
N LYS A 181 18.56 -15.87 8.48
CA LYS A 181 17.52 -16.49 9.30
C LYS A 181 16.29 -15.57 9.28
N TYR A 182 15.10 -16.16 9.23
CA TYR A 182 13.88 -15.36 9.18
C TYR A 182 12.72 -15.92 9.97
N TRP A 183 11.79 -15.04 10.31
CA TRP A 183 10.57 -15.43 11.01
C TRP A 183 9.49 -15.45 9.94
N LEU A 184 8.71 -16.51 9.91
CA LEU A 184 7.63 -16.63 8.92
C LEU A 184 6.44 -15.88 9.51
N VAL A 185 6.01 -14.80 8.87
CA VAL A 185 4.90 -14.03 9.42
C VAL A 185 3.64 -13.86 8.56
N LYS A 186 2.51 -14.26 9.13
CA LYS A 186 1.23 -14.12 8.44
C LYS A 186 0.64 -12.71 8.69
N ASN A 187 0.41 -11.96 7.61
CA ASN A 187 -0.14 -10.60 7.68
C ASN A 187 -1.65 -10.64 7.44
N SER A 188 -2.33 -9.51 7.69
CA SER A 188 -3.79 -9.40 7.51
C SER A 188 -4.16 -8.30 6.53
N TRP A 189 -3.42 -8.20 5.44
CA TRP A 189 -3.67 -7.21 4.39
C TRP A 189 -4.11 -7.87 3.09
N GLY A 190 -4.43 -9.16 3.17
CA GLY A 190 -4.84 -9.88 1.98
C GLY A 190 -3.70 -10.69 1.39
N GLU A 191 -4.03 -11.57 0.46
CA GLU A 191 -3.04 -12.43 -0.17
C GLU A 191 -2.28 -11.74 -1.28
N GLU A 192 -2.78 -10.60 -1.76
CA GLU A 192 -2.09 -9.87 -2.81
C GLU A 192 -0.85 -9.21 -2.24
N TRP A 193 -0.82 -9.04 -0.92
CA TRP A 193 0.32 -8.40 -0.26
C TRP A 193 1.48 -9.37 -0.06
N GLY A 194 2.69 -8.86 -0.25
CA GLY A 194 3.88 -9.69 -0.07
C GLY A 194 3.83 -11.06 -0.74
N MET A 195 4.27 -12.09 0.00
CA MET A 195 4.29 -13.46 -0.51
C MET A 195 2.99 -14.19 -0.20
N GLY A 196 1.93 -13.79 -0.88
CA GLY A 196 0.65 -14.44 -0.65
C GLY A 196 0.12 -14.03 0.71
N GLY A 197 0.51 -12.86 1.17
CA GLY A 197 0.04 -12.38 2.46
C GLY A 197 1.01 -12.67 3.60
N TYR A 198 2.14 -13.30 3.28
CA TYR A 198 3.15 -13.63 4.26
C TYR A 198 4.42 -12.83 4.02
N VAL A 199 5.26 -12.75 5.05
CA VAL A 199 6.51 -12.04 4.92
C VAL A 199 7.57 -12.79 5.71
N LYS A 200 8.79 -12.80 5.19
CA LYS A 200 9.91 -13.45 5.87
C LYS A 200 10.67 -12.30 6.50
N MET A 201 10.74 -12.28 7.83
CA MET A 201 11.42 -11.18 8.50
C MET A 201 12.72 -11.53 9.18
N ALA A 202 13.68 -10.62 9.08
CA ALA A 202 15.01 -10.79 9.69
C ALA A 202 14.94 -11.40 11.09
N LYS A 203 15.62 -12.51 11.28
CA LYS A 203 15.61 -13.21 12.57
C LYS A 203 16.97 -13.16 13.27
N ASP A 204 16.91 -13.04 14.60
CA ASP A 204 18.11 -12.96 15.43
C ASP A 204 18.97 -11.78 15.02
N ARG A 205 18.31 -10.69 14.65
CA ARG A 205 19.01 -9.48 14.25
C ARG A 205 18.66 -8.35 15.21
N ARG A 206 18.85 -8.61 16.51
CA ARG A 206 18.57 -7.65 17.56
C ARG A 206 17.10 -7.27 17.61
N ASN A 207 16.23 -8.28 17.66
CA ASN A 207 14.79 -8.03 17.71
C ASN A 207 14.42 -6.97 16.69
N HIS A 208 14.58 -7.32 15.42
CA HIS A 208 14.27 -6.43 14.31
C HIS A 208 12.78 -6.05 14.29
N CYS A 209 12.52 -4.75 14.36
CA CYS A 209 11.16 -4.23 14.38
C CYS A 209 10.41 -4.70 15.64
N GLY A 210 11.19 -5.13 16.64
CA GLY A 210 10.62 -5.59 17.89
C GLY A 210 9.65 -6.77 17.84
N ILE A 211 9.77 -7.62 16.83
CA ILE A 211 8.87 -8.76 16.68
C ILE A 211 8.73 -9.63 17.93
N ALA A 212 9.80 -9.72 18.72
CA ALA A 212 9.74 -10.55 19.93
C ALA A 212 9.45 -9.75 21.18
N SER A 213 9.13 -8.47 21.03
CA SER A 213 8.86 -7.61 22.17
C SER A 213 7.44 -7.59 22.74
N ALA A 214 6.46 -8.06 21.97
CA ALA A 214 5.06 -8.11 22.45
C ALA A 214 4.38 -9.41 22.00
N ALA A 215 5.14 -10.50 22.06
CA ALA A 215 4.63 -11.81 21.69
C ALA A 215 3.72 -12.35 22.78
N SER A 216 2.72 -13.13 22.39
CA SER A 216 1.80 -13.71 23.35
C SER A 216 0.89 -14.71 22.64
N TYR A 217 0.22 -15.56 23.42
CA TYR A 217 -0.70 -16.55 22.86
C TYR A 217 -1.75 -16.95 23.89
N PRO A 218 -2.96 -17.29 23.42
CA PRO A 218 -4.03 -17.68 24.34
C PRO A 218 -3.88 -19.11 24.85
N THR A 219 -4.44 -19.38 26.02
CA THR A 219 -4.43 -20.71 26.60
C THR A 219 -5.87 -21.18 26.53
N VAL A 220 -6.11 -22.24 25.77
CA VAL A 220 -7.45 -22.79 25.61
C VAL A 220 -7.65 -24.07 26.41
N ALA B 1 4.90 5.27 -36.59
CA ALA B 1 4.44 4.72 -35.28
C ALA B 1 5.29 3.52 -34.86
N PRO B 2 6.45 3.77 -34.24
CA PRO B 2 7.32 2.66 -33.82
C PRO B 2 6.60 1.60 -32.99
N ARG B 3 7.28 0.49 -32.75
CA ARG B 3 6.71 -0.60 -31.96
C ARG B 3 6.79 -0.29 -30.46
N SER B 4 7.85 0.41 -30.06
CA SER B 4 8.07 0.75 -28.66
C SER B 4 8.54 2.18 -28.44
N VAL B 5 8.36 2.67 -27.22
CA VAL B 5 8.80 4.01 -26.87
C VAL B 5 9.17 4.04 -25.39
N ASP B 6 10.28 4.70 -25.05
CA ASP B 6 10.70 4.79 -23.66
C ASP B 6 11.38 6.12 -23.40
N TRP B 7 10.58 7.18 -23.32
CA TRP B 7 11.09 8.52 -23.05
C TRP B 7 12.09 8.62 -21.91
N ARG B 8 12.15 7.60 -21.05
CA ARG B 8 13.10 7.62 -19.95
C ARG B 8 14.52 7.52 -20.50
N GLU B 9 14.69 6.72 -21.55
CA GLU B 9 15.99 6.53 -22.18
C GLU B 9 16.51 7.77 -22.90
N LYS B 10 15.69 8.81 -23.04
CA LYS B 10 16.10 10.03 -23.74
C LYS B 10 16.39 11.24 -22.87
N GLY B 11 16.18 11.12 -21.55
CA GLY B 11 16.43 12.23 -20.67
C GLY B 11 15.19 13.08 -20.44
N TYR B 12 14.03 12.51 -20.73
CA TYR B 12 12.76 13.21 -20.55
C TYR B 12 12.17 13.06 -19.14
N VAL B 13 12.34 11.88 -18.56
CA VAL B 13 11.78 11.55 -17.25
C VAL B 13 12.66 11.79 -16.02
N THR B 14 12.09 12.45 -15.00
CA THR B 14 12.80 12.69 -13.76
C THR B 14 12.66 11.43 -12.88
N PRO B 15 13.45 11.33 -11.79
CA PRO B 15 13.34 10.15 -10.94
C PRO B 15 11.96 10.07 -10.33
N VAL B 16 11.54 8.87 -9.96
CA VAL B 16 10.23 8.68 -9.35
C VAL B 16 10.10 9.47 -8.04
N LYS B 17 8.94 10.08 -7.85
CA LYS B 17 8.67 10.86 -6.65
C LYS B 17 7.62 10.18 -5.77
N ASN B 18 7.36 10.78 -4.62
CA ASN B 18 6.40 10.24 -3.68
C ASN B 18 5.48 11.37 -3.24
N GLN B 19 4.18 11.21 -3.50
CA GLN B 19 3.21 12.24 -3.14
C GLN B 19 2.87 12.15 -1.66
N GLY B 20 3.29 11.08 -1.03
CA GLY B 20 3.00 10.92 0.38
C GLY B 20 1.51 10.82 0.57
N GLN B 21 1.08 10.89 1.83
CA GLN B 21 -0.34 10.78 2.11
C GLN B 21 -1.01 12.15 2.02
N CYS B 22 -1.33 12.48 0.77
CA CYS B 22 -1.95 13.74 0.38
C CYS B 22 -2.46 13.53 -1.05
N GLY B 23 -3.66 14.01 -1.35
CA GLY B 23 -4.22 13.85 -2.69
C GLY B 23 -3.66 14.86 -3.70
N SER B 24 -2.33 14.85 -3.87
CA SER B 24 -1.65 15.76 -4.79
C SER B 24 -1.14 15.02 -6.03
N CSD B 25 -1.72 13.87 -6.31
CA CSD B 25 -1.33 13.07 -7.46
CB CSD B 25 -2.14 11.78 -7.53
SG CSD B 25 -3.94 11.97 -7.86
C CSD B 25 -1.49 13.89 -8.74
O CSD B 25 -0.64 13.82 -9.65
OD1 CSD B 25 -4.39 12.81 -6.83
OD2 CSD B 25 -4.36 10.61 -7.84
N TRP B 26 -2.56 14.68 -8.84
CA TRP B 26 -2.77 15.52 -10.01
C TRP B 26 -1.58 16.46 -10.26
N ALA B 27 -0.97 16.95 -9.19
CA ALA B 27 0.16 17.86 -9.31
C ALA B 27 1.41 17.15 -9.82
N PHE B 28 1.64 15.93 -9.34
CA PHE B 28 2.79 15.16 -9.77
C PHE B 28 2.66 14.78 -11.24
N SER B 29 1.43 14.53 -11.67
CA SER B 29 1.17 14.16 -13.04
C SER B 29 1.48 15.36 -13.94
N ALA B 30 1.09 16.54 -13.47
CA ALA B 30 1.31 17.79 -14.20
C ALA B 30 2.80 18.11 -14.34
N THR B 31 3.53 18.11 -13.22
CA THR B 31 4.96 18.42 -13.24
C THR B 31 5.68 17.44 -14.16
N GLY B 32 5.30 16.18 -14.10
CA GLY B 32 5.94 15.18 -14.94
C GLY B 32 5.83 15.54 -16.41
N ALA B 33 4.61 15.81 -16.87
CA ALA B 33 4.36 16.17 -18.27
C ALA B 33 5.10 17.45 -18.64
N LEU B 34 5.02 18.45 -17.76
CA LEU B 34 5.66 19.74 -17.96
C LEU B 34 7.18 19.57 -18.00
N GLU B 35 7.73 18.81 -17.04
CA GLU B 35 9.18 18.57 -17.01
C GLU B 35 9.58 17.97 -18.36
N GLY B 36 8.74 17.08 -18.87
CA GLY B 36 9.00 16.43 -20.14
C GLY B 36 8.95 17.40 -21.33
N GLN B 37 7.95 18.28 -21.36
CA GLN B 37 7.84 19.23 -22.47
C GLN B 37 8.96 20.26 -22.44
N MET B 38 9.40 20.63 -21.24
CA MET B 38 10.48 21.60 -21.10
C MET B 38 11.77 21.03 -21.68
N PHE B 39 12.15 19.84 -21.23
CA PHE B 39 13.37 19.20 -21.72
C PHE B 39 13.47 19.34 -23.25
N ARG B 40 12.42 18.91 -23.95
CA ARG B 40 12.40 18.98 -25.40
C ARG B 40 12.64 20.40 -25.92
N LYS B 41 12.33 21.40 -25.10
CA LYS B 41 12.52 22.79 -25.50
C LYS B 41 13.87 23.38 -25.08
N THR B 42 14.19 23.31 -23.78
CA THR B 42 15.46 23.86 -23.31
C THR B 42 16.61 22.84 -23.35
N GLY B 43 16.29 21.56 -23.22
CA GLY B 43 17.33 20.56 -23.22
C GLY B 43 17.82 20.28 -21.81
N ARG B 44 17.28 21.00 -20.84
CA ARG B 44 17.66 20.80 -19.44
C ARG B 44 16.47 20.25 -18.63
N LEU B 45 16.69 19.11 -17.98
CA LEU B 45 15.65 18.48 -17.18
C LEU B 45 15.74 18.97 -15.73
N ILE B 46 14.84 19.88 -15.36
CA ILE B 46 14.80 20.44 -14.00
C ILE B 46 13.48 20.05 -13.31
N SER B 47 13.57 19.35 -12.18
CA SER B 47 12.39 18.94 -11.42
C SER B 47 11.55 20.14 -10.94
N LEU B 48 10.24 20.09 -11.22
CA LEU B 48 9.32 21.15 -10.83
C LEU B 48 8.63 20.98 -9.48
N SER B 49 8.11 22.08 -8.95
CA SER B 49 7.46 22.14 -7.64
C SER B 49 5.96 21.83 -7.54
N GLU B 50 5.63 20.65 -7.00
CA GLU B 50 4.23 20.28 -6.84
C GLU B 50 3.65 21.07 -5.68
N GLN B 51 4.50 21.36 -4.70
CA GLN B 51 4.08 22.13 -3.54
C GLN B 51 3.61 23.49 -4.04
N ASN B 52 4.31 24.01 -5.04
CA ASN B 52 3.94 25.28 -5.62
C ASN B 52 2.50 25.14 -6.16
N LEU B 53 2.25 24.08 -6.91
CA LEU B 53 0.92 23.84 -7.47
C LEU B 53 -0.14 23.62 -6.38
N VAL B 54 0.20 22.81 -5.39
CA VAL B 54 -0.71 22.50 -4.29
C VAL B 54 -1.12 23.74 -3.52
N ASP B 55 -0.17 24.66 -3.31
CA ASP B 55 -0.45 25.87 -2.56
C ASP B 55 -1.04 27.05 -3.33
N CYS B 56 -0.73 27.15 -4.62
CA CYS B 56 -1.20 28.29 -5.40
C CYS B 56 -2.24 28.07 -6.50
N SER B 57 -2.57 26.82 -6.82
CA SER B 57 -3.52 26.56 -7.91
C SER B 57 -4.99 26.46 -7.49
N GLY B 58 -5.32 27.01 -6.33
CA GLY B 58 -6.71 26.98 -5.88
C GLY B 58 -7.58 27.84 -6.79
N PRO B 59 -7.07 29.00 -7.24
CA PRO B 59 -7.86 29.87 -8.12
C PRO B 59 -8.27 29.18 -9.42
N GLN B 60 -7.41 28.31 -9.93
CA GLN B 60 -7.69 27.61 -11.18
C GLN B 60 -8.68 26.45 -11.03
N GLY B 61 -9.02 26.10 -9.80
CA GLY B 61 -9.96 25.02 -9.59
C GLY B 61 -9.51 23.82 -8.77
N ASN B 62 -8.21 23.74 -8.46
CA ASN B 62 -7.69 22.62 -7.69
C ASN B 62 -7.98 22.75 -6.20
N GLU B 63 -8.14 21.61 -5.53
CA GLU B 63 -8.44 21.59 -4.11
C GLU B 63 -7.26 21.11 -3.23
N GLY B 64 -6.02 21.35 -3.68
CA GLY B 64 -4.87 20.94 -2.90
C GLY B 64 -4.76 19.44 -2.61
N CYS B 65 -4.42 19.09 -1.38
CA CYS B 65 -4.28 17.69 -1.00
C CYS B 65 -5.61 16.97 -1.02
N ASN B 66 -6.66 17.69 -1.37
CA ASN B 66 -7.98 17.10 -1.45
C ASN B 66 -8.37 16.73 -2.86
N GLY B 67 -7.48 17.01 -3.80
CA GLY B 67 -7.74 16.69 -5.19
C GLY B 67 -7.62 17.85 -6.16
N GLY B 68 -7.65 17.52 -7.45
CA GLY B 68 -7.53 18.53 -8.48
C GLY B 68 -7.41 17.85 -9.83
N LEU B 69 -7.04 18.63 -10.84
CA LEU B 69 -6.89 18.15 -12.21
C LEU B 69 -5.57 18.67 -12.81
N MET B 70 -4.94 17.85 -13.64
CA MET B 70 -3.69 18.25 -14.28
C MET B 70 -3.87 19.49 -15.15
N ASP B 71 -4.99 19.57 -15.85
CA ASP B 71 -5.23 20.71 -16.71
C ASP B 71 -5.31 21.99 -15.89
N TYR B 72 -5.84 21.89 -14.68
CA TYR B 72 -5.93 23.07 -13.83
C TYR B 72 -4.53 23.56 -13.50
N ALA B 73 -3.64 22.63 -13.17
CA ALA B 73 -2.25 22.96 -12.86
C ALA B 73 -1.59 23.61 -14.09
N PHE B 74 -1.83 23.04 -15.27
CA PHE B 74 -1.27 23.62 -16.50
C PHE B 74 -1.83 25.03 -16.64
N GLN B 75 -3.14 25.15 -16.50
CA GLN B 75 -3.82 26.42 -16.59
C GLN B 75 -3.27 27.39 -15.56
N TYR B 76 -2.91 26.85 -14.40
CA TYR B 76 -2.36 27.68 -13.34
C TYR B 76 -1.04 28.30 -13.78
N VAL B 77 -0.12 27.45 -14.23
CA VAL B 77 1.19 27.92 -14.68
C VAL B 77 1.02 29.00 -15.75
N GLN B 78 0.12 28.75 -16.70
CA GLN B 78 -0.13 29.71 -17.77
C GLN B 78 -0.51 31.08 -17.22
N ASP B 79 -1.57 31.15 -16.42
CA ASP B 79 -2.00 32.43 -15.85
C ASP B 79 -0.93 33.01 -14.93
N ASN B 80 -0.29 32.13 -14.15
CA ASN B 80 0.76 32.53 -13.21
C ASN B 80 2.02 33.00 -13.90
N GLY B 81 2.19 32.61 -15.16
CA GLY B 81 3.37 33.00 -15.92
C GLY B 81 4.64 32.29 -15.49
N GLY B 82 4.50 31.28 -14.63
CA GLY B 82 5.67 30.56 -14.18
C GLY B 82 5.41 29.53 -13.10
N LEU B 83 6.43 28.71 -12.82
CA LEU B 83 6.34 27.68 -11.79
C LEU B 83 7.74 27.47 -11.21
N ASP B 84 7.86 27.66 -9.90
CA ASP B 84 9.14 27.49 -9.23
C ASP B 84 9.66 26.06 -9.38
N SER B 85 10.95 25.90 -9.14
CA SER B 85 11.61 24.60 -9.24
C SER B 85 11.35 23.77 -8.00
N GLU B 86 11.40 22.45 -8.16
CA GLU B 86 11.18 21.54 -7.04
C GLU B 86 12.15 21.88 -5.91
N GLU B 87 13.39 22.15 -6.29
CA GLU B 87 14.44 22.48 -5.33
C GLU B 87 14.15 23.77 -4.57
N SER B 88 13.65 24.77 -5.29
CA SER B 88 13.35 26.06 -4.68
C SER B 88 12.09 26.02 -3.83
N TYR B 89 11.16 25.16 -4.21
CA TYR B 89 9.89 25.02 -3.50
C TYR B 89 9.69 23.52 -3.20
N PRO B 90 10.39 22.99 -2.18
CA PRO B 90 10.30 21.58 -1.78
C PRO B 90 8.90 21.11 -1.39
N TYR B 91 8.67 19.81 -1.54
CA TYR B 91 7.37 19.20 -1.23
C TYR B 91 7.24 18.72 0.23
N GLU B 92 6.15 19.11 0.89
CA GLU B 92 5.92 18.71 2.28
C GLU B 92 4.63 17.91 2.47
N ALA B 93 4.13 17.32 1.38
CA ALA B 93 2.92 16.50 1.43
C ALA B 93 1.78 17.09 2.24
N THR B 94 1.74 18.41 2.35
CA THR B 94 0.67 19.08 3.09
C THR B 94 0.48 20.47 2.50
N GLU B 95 -0.74 20.98 2.60
CA GLU B 95 -1.05 22.29 2.04
C GLU B 95 -0.61 23.49 2.87
N GLU B 96 0.30 24.28 2.29
CA GLU B 96 0.84 25.48 2.93
C GLU B 96 0.29 26.72 2.23
N SER B 97 0.79 27.89 2.62
CA SER B 97 0.38 29.15 2.02
C SER B 97 1.23 29.39 0.78
N CYS B 98 0.60 29.88 -0.29
CA CYS B 98 1.33 30.11 -1.53
C CYS B 98 2.63 30.89 -1.27
N LYS B 99 3.73 30.39 -1.80
CA LYS B 99 5.04 30.99 -1.63
C LYS B 99 5.75 31.14 -2.96
N TYR B 100 4.96 31.36 -4.01
CA TYR B 100 5.53 31.52 -5.34
C TYR B 100 6.47 32.71 -5.40
N ASN B 101 7.58 32.53 -6.10
CA ASN B 101 8.59 33.56 -6.26
C ASN B 101 9.06 33.56 -7.72
N PRO B 102 8.68 34.61 -8.48
CA PRO B 102 9.00 34.80 -9.90
C PRO B 102 10.47 34.61 -10.29
N LYS B 103 11.37 34.75 -9.31
CA LYS B 103 12.80 34.61 -9.55
C LYS B 103 13.27 33.17 -9.73
N TYR B 104 12.59 32.25 -9.08
CA TYR B 104 12.97 30.84 -9.14
C TYR B 104 12.26 30.06 -10.25
N SER B 105 11.20 30.65 -10.79
CA SER B 105 10.44 30.01 -11.86
C SER B 105 11.40 29.39 -12.88
N VAL B 106 11.10 28.19 -13.34
CA VAL B 106 11.97 27.53 -14.30
C VAL B 106 11.24 26.81 -15.43
N ALA B 107 9.98 27.20 -15.65
CA ALA B 107 9.20 26.60 -16.71
C ALA B 107 7.87 27.33 -16.88
N ASN B 108 7.23 27.07 -18.01
CA ASN B 108 5.93 27.68 -18.32
C ASN B 108 5.32 27.05 -19.57
N ASP B 109 4.02 27.24 -19.74
CA ASP B 109 3.34 26.73 -20.90
C ASP B 109 2.45 27.82 -21.47
N THR B 110 1.95 27.61 -22.67
CA THR B 110 1.09 28.60 -23.32
C THR B 110 -0.31 28.03 -23.38
N GLY B 111 -0.51 26.96 -22.62
CA GLY B 111 -1.79 26.29 -22.59
C GLY B 111 -1.53 24.80 -22.59
N PHE B 112 -2.56 24.01 -22.85
CA PHE B 112 -2.41 22.56 -22.85
C PHE B 112 -3.25 21.94 -23.95
N VAL B 113 -2.92 20.71 -24.30
CA VAL B 113 -3.67 20.01 -25.34
C VAL B 113 -4.39 18.80 -24.76
N ASP B 114 -5.70 18.75 -24.94
CA ASP B 114 -6.49 17.61 -24.47
C ASP B 114 -6.52 16.63 -25.63
N ILE B 115 -6.02 15.43 -25.38
CA ILE B 115 -5.97 14.39 -26.39
C ILE B 115 -7.30 13.62 -26.53
N PRO B 116 -7.69 13.30 -27.77
CA PRO B 116 -8.93 12.57 -28.09
C PRO B 116 -9.01 11.33 -27.19
N LYS B 117 -10.20 10.98 -26.74
CA LYS B 117 -10.35 9.83 -25.86
C LYS B 117 -10.28 8.49 -26.56
N GLN B 118 -9.18 8.27 -27.26
CA GLN B 118 -8.92 7.02 -28.00
C GLN B 118 -7.48 6.60 -27.70
N GLU B 119 -7.24 5.31 -27.48
CA GLU B 119 -5.89 4.81 -27.20
C GLU B 119 -4.96 5.07 -28.38
N LYS B 120 -5.52 4.94 -29.58
CA LYS B 120 -4.80 5.16 -30.82
C LYS B 120 -4.28 6.60 -30.84
N ALA B 121 -5.10 7.51 -30.32
CA ALA B 121 -4.72 8.92 -30.27
C ALA B 121 -3.67 9.19 -29.19
N LEU B 122 -3.70 8.40 -28.11
CA LEU B 122 -2.72 8.57 -27.04
C LEU B 122 -1.36 8.08 -27.56
N MET B 123 -1.38 6.95 -28.24
CA MET B 123 -0.18 6.36 -28.82
C MET B 123 0.56 7.36 -29.69
N LYS B 124 -0.17 8.05 -30.58
CA LYS B 124 0.42 9.05 -31.46
C LYS B 124 1.07 10.18 -30.67
N ALA B 125 0.35 10.68 -29.67
CA ALA B 125 0.82 11.78 -28.84
C ALA B 125 2.04 11.38 -28.02
N VAL B 126 2.07 10.13 -27.57
CA VAL B 126 3.19 9.64 -26.77
C VAL B 126 4.45 9.51 -27.61
N ALA B 127 4.27 9.06 -28.85
CA ALA B 127 5.38 8.87 -29.77
C ALA B 127 5.91 10.18 -30.37
N THR B 128 5.08 11.22 -30.38
CA THR B 128 5.50 12.50 -30.96
C THR B 128 5.58 13.71 -30.06
N VAL B 129 5.16 13.60 -28.80
CA VAL B 129 5.23 14.75 -27.89
C VAL B 129 6.08 14.51 -26.65
N GLY B 130 6.05 13.27 -26.17
CA GLY B 130 6.80 12.91 -24.97
C GLY B 130 5.87 12.40 -23.88
N PRO B 131 6.32 12.40 -22.62
CA PRO B 131 5.49 11.93 -21.50
C PRO B 131 4.16 12.66 -21.46
N ILE B 132 3.07 11.88 -21.36
CA ILE B 132 1.70 12.40 -21.34
C ILE B 132 0.96 12.19 -20.01
N SER B 133 0.33 13.25 -19.49
CA SER B 133 -0.42 13.12 -18.23
C SER B 133 -1.76 12.44 -18.48
N VAL B 134 -2.06 11.43 -17.68
CA VAL B 134 -3.31 10.70 -17.82
C VAL B 134 -3.91 10.34 -16.46
N ALA B 135 -5.17 9.93 -16.46
CA ALA B 135 -5.86 9.53 -15.25
C ALA B 135 -6.33 8.11 -15.45
N ILE B 136 -6.19 7.29 -14.42
CA ILE B 136 -6.59 5.90 -14.49
C ILE B 136 -7.39 5.54 -13.26
N ASP B 137 -7.98 4.35 -13.27
CA ASP B 137 -8.74 3.86 -12.14
C ASP B 137 -7.76 3.02 -11.35
N ALA B 138 -7.20 3.60 -10.29
CA ALA B 138 -6.24 2.90 -9.46
C ALA B 138 -6.85 2.52 -8.12
N GLY B 139 -8.15 2.69 -8.00
CA GLY B 139 -8.82 2.36 -6.76
C GLY B 139 -9.08 0.88 -6.59
N HIS B 140 -8.03 0.08 -6.64
CA HIS B 140 -8.15 -1.37 -6.49
C HIS B 140 -6.93 -1.97 -5.80
N GLU B 141 -7.20 -2.79 -4.80
CA GLU B 141 -6.16 -3.46 -4.04
C GLU B 141 -5.06 -4.02 -4.97
N SER B 142 -5.46 -4.57 -6.10
CA SER B 142 -4.49 -5.15 -7.03
C SER B 142 -3.52 -4.10 -7.57
N PHE B 143 -3.98 -2.86 -7.73
CA PHE B 143 -3.08 -1.83 -8.24
C PHE B 143 -2.12 -1.36 -7.14
N LEU B 144 -2.58 -1.38 -5.90
CA LEU B 144 -1.74 -0.96 -4.78
C LEU B 144 -0.60 -1.95 -4.57
N PHE B 145 -0.89 -3.25 -4.72
CA PHE B 145 0.15 -4.25 -4.53
C PHE B 145 0.63 -4.86 -5.84
N TYR B 146 0.56 -4.06 -6.91
CA TYR B 146 1.05 -4.48 -8.21
C TYR B 146 2.54 -4.73 -8.01
N LYS B 147 3.03 -5.87 -8.47
CA LYS B 147 4.43 -6.24 -8.30
C LYS B 147 5.21 -6.18 -9.61
N GLU B 148 4.60 -6.69 -10.68
CA GLU B 148 5.19 -6.67 -12.00
C GLU B 148 4.30 -7.31 -13.06
N GLY B 149 4.75 -7.27 -14.32
CA GLY B 149 3.96 -7.82 -15.40
C GLY B 149 3.02 -6.77 -15.97
N ILE B 150 2.07 -7.21 -16.77
CA ILE B 150 1.11 -6.31 -17.37
C ILE B 150 -0.16 -6.28 -16.54
N TYR B 151 -0.37 -5.13 -15.91
CA TYR B 151 -1.52 -4.92 -15.06
C TYR B 151 -2.86 -4.97 -15.79
N PHE B 152 -3.72 -5.86 -15.35
CA PHE B 152 -5.05 -5.97 -15.94
C PHE B 152 -6.05 -6.26 -14.83
N GLU B 153 -6.82 -5.25 -14.46
CA GLU B 153 -7.83 -5.39 -13.41
C GLU B 153 -9.20 -5.50 -14.05
N PRO B 154 -9.73 -6.72 -14.18
CA PRO B 154 -11.04 -6.92 -14.79
C PRO B 154 -12.15 -6.06 -14.16
N ASP B 155 -11.85 -5.42 -13.03
CA ASP B 155 -12.86 -4.60 -12.38
C ASP B 155 -12.62 -3.10 -12.59
N CYS B 156 -11.67 -2.78 -13.48
CA CYS B 156 -11.35 -1.38 -13.79
C CYS B 156 -12.49 -0.74 -14.57
N SER B 157 -12.62 0.58 -14.43
CA SER B 157 -13.67 1.33 -15.11
C SER B 157 -13.05 2.34 -16.06
N SER B 158 -13.36 2.19 -17.34
CA SER B 158 -12.83 3.10 -18.35
C SER B 158 -13.50 4.46 -18.25
N GLU B 159 -14.39 4.62 -17.28
CA GLU B 159 -15.12 5.87 -17.10
C GLU B 159 -15.11 6.41 -15.67
N ASP B 160 -14.34 5.78 -14.80
CA ASP B 160 -14.24 6.18 -13.40
C ASP B 160 -12.77 6.23 -13.02
N MET B 161 -12.11 7.32 -13.42
CA MET B 161 -10.69 7.51 -13.12
C MET B 161 -10.49 8.30 -11.84
N ASP B 162 -9.56 7.85 -11.00
CA ASP B 162 -9.30 8.51 -9.72
C ASP B 162 -7.84 8.87 -9.45
N HIS B 163 -6.93 8.42 -10.30
CA HIS B 163 -5.52 8.65 -10.08
C HIS B 163 -4.78 9.20 -11.29
N GLY B 164 -4.21 10.39 -11.15
CA GLY B 164 -3.47 11.00 -12.25
C GLY B 164 -2.04 10.46 -12.31
N VAL B 165 -1.57 10.09 -13.50
CA VAL B 165 -0.22 9.55 -13.65
C VAL B 165 0.42 10.00 -14.97
N LEU B 166 1.60 9.47 -15.28
CA LEU B 166 2.34 9.84 -16.50
C LEU B 166 2.67 8.65 -17.43
N VAL B 167 2.17 8.70 -18.67
CA VAL B 167 2.46 7.65 -19.64
C VAL B 167 3.79 8.07 -20.25
N VAL B 168 4.84 7.27 -20.01
CA VAL B 168 6.16 7.62 -20.52
C VAL B 168 6.64 6.74 -21.67
N GLY B 169 5.81 5.79 -22.08
CA GLY B 169 6.18 4.93 -23.17
C GLY B 169 5.17 3.82 -23.36
N TYR B 170 5.55 2.81 -24.15
CA TYR B 170 4.70 1.65 -24.41
C TYR B 170 5.49 0.63 -25.19
N GLY B 171 5.06 -0.62 -25.13
CA GLY B 171 5.76 -1.66 -25.84
C GLY B 171 4.95 -2.93 -25.78
N PHE B 172 5.64 -4.06 -25.89
CA PHE B 172 5.00 -5.37 -25.86
C PHE B 172 6.01 -6.42 -25.44
N GLU B 173 5.55 -7.62 -25.11
CA GLU B 173 6.47 -8.66 -24.68
C GLU B 173 6.47 -9.93 -25.51
N SER B 174 7.49 -10.75 -25.27
CA SER B 174 7.68 -12.03 -25.97
C SER B 174 6.54 -13.00 -25.69
N ASN B 180 -0.69 -8.69 -25.00
CA ASN B 180 0.73 -8.56 -24.65
C ASN B 180 1.25 -7.13 -24.81
N LYS B 181 0.35 -6.19 -25.10
CA LYS B 181 0.76 -4.80 -25.27
C LYS B 181 0.59 -4.05 -23.96
N TYR B 182 1.42 -3.04 -23.73
CA TYR B 182 1.33 -2.30 -22.48
C TYR B 182 1.76 -0.85 -22.59
N TRP B 183 1.29 -0.05 -21.63
CA TRP B 183 1.64 1.36 -21.52
C TRP B 183 2.63 1.38 -20.35
N LEU B 184 3.70 2.15 -20.48
CA LEU B 184 4.70 2.28 -19.42
C LEU B 184 4.25 3.48 -18.60
N VAL B 185 3.88 3.26 -17.34
CA VAL B 185 3.39 4.35 -16.51
C VAL B 185 4.17 4.64 -15.23
N LYS B 186 4.57 5.90 -15.10
CA LYS B 186 5.30 6.38 -13.93
C LYS B 186 4.31 6.79 -12.84
N ASN B 187 4.40 6.17 -11.66
CA ASN B 187 3.50 6.48 -10.55
C ASN B 187 4.18 7.51 -9.63
N SER B 188 3.43 8.06 -8.67
CA SER B 188 3.98 9.02 -7.73
C SER B 188 3.77 8.58 -6.30
N TRP B 189 3.98 7.29 -6.07
CA TRP B 189 3.82 6.70 -4.75
C TRP B 189 5.19 6.26 -4.22
N GLY B 190 6.26 6.80 -4.80
CA GLY B 190 7.60 6.43 -4.37
C GLY B 190 8.15 5.31 -5.22
N GLU B 191 9.41 4.94 -4.98
CA GLU B 191 10.09 3.86 -5.75
C GLU B 191 9.91 2.44 -5.22
N GLU B 192 9.44 2.29 -3.99
CA GLU B 192 9.25 0.96 -3.43
C GLU B 192 8.07 0.33 -4.17
N TRP B 193 7.13 1.17 -4.57
CA TRP B 193 5.90 0.72 -5.26
C TRP B 193 6.14 0.08 -6.61
N GLY B 194 5.37 -0.98 -6.88
CA GLY B 194 5.45 -1.69 -8.14
C GLY B 194 6.81 -2.05 -8.68
N MET B 195 7.05 -1.69 -9.93
CA MET B 195 8.33 -1.97 -10.59
C MET B 195 9.21 -0.74 -10.55
N GLY B 196 9.79 -0.47 -9.40
CA GLY B 196 10.65 0.69 -9.28
C GLY B 196 9.84 1.96 -9.43
N GLY B 197 8.55 1.88 -9.13
CA GLY B 197 7.69 3.04 -9.21
C GLY B 197 6.92 3.12 -10.52
N TYR B 198 7.16 2.17 -11.41
CA TYR B 198 6.49 2.13 -12.69
C TYR B 198 5.61 0.91 -12.79
N VAL B 199 4.67 0.97 -13.72
CA VAL B 199 3.76 -0.13 -13.95
C VAL B 199 3.50 -0.26 -15.45
N LYS B 200 3.50 -1.50 -15.93
CA LYS B 200 3.22 -1.81 -17.33
C LYS B 200 1.71 -2.08 -17.38
N MET B 201 0.94 -1.13 -17.91
CA MET B 201 -0.50 -1.30 -17.98
C MET B 201 -1.09 -1.69 -19.34
N ALA B 202 -2.01 -2.65 -19.29
CA ALA B 202 -2.69 -3.18 -20.47
C ALA B 202 -2.95 -2.11 -21.51
N LYS B 203 -2.42 -2.33 -22.71
CA LYS B 203 -2.61 -1.40 -23.82
C LYS B 203 -3.46 -2.05 -24.92
N ASP B 204 -4.47 -1.31 -25.36
CA ASP B 204 -5.38 -1.76 -26.40
C ASP B 204 -6.29 -2.89 -25.96
N ARG B 205 -6.75 -2.81 -24.72
CA ARG B 205 -7.68 -3.78 -24.15
C ARG B 205 -8.92 -2.95 -23.86
N ARG B 206 -9.42 -2.26 -24.89
CA ARG B 206 -10.61 -1.43 -24.76
C ARG B 206 -10.42 -0.29 -23.75
N ASN B 207 -9.32 0.45 -23.90
CA ASN B 207 -9.02 1.57 -23.00
C ASN B 207 -9.11 1.16 -21.53
N HIS B 208 -8.36 0.12 -21.17
CA HIS B 208 -8.36 -0.42 -19.82
C HIS B 208 -8.05 0.64 -18.73
N CYS B 209 -8.99 0.74 -17.79
CA CYS B 209 -8.90 1.69 -16.68
C CYS B 209 -8.99 3.12 -17.19
N GLY B 210 -9.47 3.26 -18.43
CA GLY B 210 -9.64 4.57 -19.04
C GLY B 210 -8.39 5.43 -19.10
N ILE B 211 -7.24 4.80 -19.33
CA ILE B 211 -5.98 5.52 -19.39
C ILE B 211 -5.99 6.62 -20.47
N ALA B 212 -6.80 6.44 -21.51
CA ALA B 212 -6.87 7.43 -22.60
C ALA B 212 -8.03 8.43 -22.48
N SER B 213 -8.88 8.29 -21.47
CA SER B 213 -10.02 9.20 -21.32
C SER B 213 -9.73 10.60 -20.74
N ALA B 214 -8.52 10.81 -20.24
CA ALA B 214 -8.13 12.12 -19.66
C ALA B 214 -6.64 12.38 -19.90
N ALA B 215 -6.22 12.21 -21.14
CA ALA B 215 -4.84 12.41 -21.54
C ALA B 215 -4.67 13.84 -22.02
N SER B 216 -3.59 14.47 -21.59
CA SER B 216 -3.31 15.85 -21.98
C SER B 216 -1.86 16.19 -21.68
N TYR B 217 -1.38 17.30 -22.21
CA TYR B 217 -0.01 17.74 -21.98
C TYR B 217 0.07 19.25 -22.21
N PRO B 218 1.00 19.92 -21.51
CA PRO B 218 1.19 21.37 -21.64
C PRO B 218 1.99 21.77 -22.88
N THR B 219 1.53 22.79 -23.59
CA THR B 219 2.26 23.25 -24.76
C THR B 219 3.18 24.34 -24.25
N VAL B 220 4.48 24.06 -24.33
CA VAL B 220 5.48 25.00 -23.87
C VAL B 220 5.96 25.81 -25.06
C1 NSZ C . -4.77 0.84 9.80
C2 NSZ C . -3.85 0.88 10.70
O3 NSZ C . -3.76 2.02 11.20
C4 NSZ C . -4.41 -1.20 5.80
C5 NSZ C . -5.61 -1.46 6.75
C6 NSZ C . -5.73 -0.79 8.06
C7 NSZ C . -4.62 0.18 8.45
C8 NSZ C . -3.45 0.49 7.56
C9 NSZ C . -3.35 -0.19 6.26
C10 NSZ C . -4.29 -3.43 1.82
C11 NSZ C . -5.46 -2.91 4.12
C12 NSZ C . -4.31 -1.90 4.47
C13 NSZ C . -5.43 -3.65 2.83
C14 NSZ C . -3.16 -1.66 3.48
C15 NSZ C . -3.18 -2.43 2.18
N16 NSZ C . -3.02 -0.08 11.13
C17 NSZ C . -2.08 0.17 12.12
C18 NSZ C . -2.45 0.45 13.51
O19 NSZ C . -1.66 1.33 14.05
C20 NSZ C . -0.70 0.20 11.70
C22 NSZ C . 1.24 0.61 9.54
N29 NSZ C . -3.49 -0.07 14.24
C30 NSZ C . -3.79 0.28 15.54
C31 NSZ C . -4.54 1.66 15.85
C32 NSZ C . -3.79 3.07 15.45
C33 NSZ C . -2.69 3.56 16.45
N34 NSZ C . -1.86 4.78 16.30
C35 NSZ C . -1.32 5.35 15.08
N36 NSZ C . -1.51 4.85 13.78
N37 NSZ C . -0.55 6.48 15.08
C38 NSZ C . -3.35 -0.63 16.60
O39 NSZ C . -4.29 -0.78 17.55
N40 NSZ C . -2.05 -1.19 16.50
C41 NSZ C . -1.72 -2.03 17.57
C42 NSZ C . -1.29 -0.92 18.66
O43 NSZ C . -0.50 0.04 18.31
C44 NSZ C . -0.56 -2.93 17.53
C45 NSZ C . -0.01 -3.53 18.62
C46 NSZ C . -0.71 -4.76 19.17
C47 NSZ C . 1.32 -3.07 19.41
C48 NSZ C . -0.19 -5.41 20.32
C49 NSZ C . 1.78 -3.70 20.48
C50 NSZ C . 1.07 -4.89 20.99
C52 NSZ C . -3.76 0.91 21.35
C53 NSZ C . -4.31 0.03 22.51
C54 NSZ C . -5.77 -0.03 22.79
C55 NSZ C . -6.72 0.76 21.95
C56 NSZ C . -6.20 1.61 20.82
C57 NSZ C . -4.72 1.68 20.52
C58 NSZ C . -2.26 0.97 21.08
C59 NSZ C . -1.55 -0.17 21.07
N60 NSZ C . -1.88 -1.13 20.02
SG2 NSZ C . -0.07 -0.33 10.20
C1 NSZ D . -5.27 9.46 -1.71
C2 NSZ D . -6.07 9.40 -2.73
O3 NSZ D . -7.28 9.36 -2.38
C4 NSZ D . -1.42 7.14 -1.31
C5 NSZ D . -1.46 8.69 -1.21
C6 NSZ D . -2.72 9.46 -1.33
C7 NSZ D . -4.01 8.65 -1.58
C8 NSZ D . -4.02 7.15 -1.69
C9 NSZ D . -2.75 6.41 -1.55
C10 NSZ D . 2.60 4.99 -0.89
C11 NSZ D . 1.18 7.22 -0.96
C12 NSZ D . -0.13 6.37 -1.19
C13 NSZ D . 2.49 6.52 -0.82
C14 NSZ D . -0.05 4.83 -1.26
C15 NSZ D . 1.31 4.18 -1.10
N16 NSZ D . -5.74 9.37 -4.07
C17 NSZ D . -6.71 9.32 -5.05
C18 NSZ D . -7.49 10.52 -5.44
O19 NSZ D . -8.75 10.23 -5.60
C20 NSZ D . -6.93 8.04 -5.63
C22 NSZ D . -6.45 5.14 -5.87
N29 NSZ D . -7.06 11.84 -5.58
C30 NSZ D . -7.86 12.92 -5.86
C31 NSZ D . -8.68 13.65 -4.71
C32 NSZ D . -9.47 12.74 -3.59
C33 NSZ D . -10.77 12.11 -4.16
N34 NSZ D . -11.71 11.25 -3.45
C35 NSZ D . -11.92 9.82 -3.59
N36 NSZ D . -11.26 8.92 -4.45
N37 NSZ D . -12.88 9.20 -2.83
C38 NSZ D . -7.90 13.42 -7.27
O39 NSZ D . -7.84 14.75 -7.36
N40 NSZ D . -8.00 12.47 -8.29
C41 NSZ D . -8.05 13.05 -9.55
C42 NSZ D . -9.60 13.42 -9.67
O43 NSZ D . -10.50 12.55 -9.35
C44 NSZ D . -7.76 12.28 -10.76
C45 NSZ D . -7.97 12.74 -12.02
C46 NSZ D . -6.96 13.70 -12.60
C47 NSZ D . -9.22 12.35 -12.98
C48 NSZ D . -7.14 14.21 -13.91
C49 NSZ D . -9.35 12.85 -14.20
C50 NSZ D . -8.34 13.79 -14.74
C52 NSZ D . -11.59 16.70 -8.43
C53 NSZ D . -11.57 18.07 -9.11
C54 NSZ D . -11.18 19.28 -8.33
C55 NSZ D . -10.81 19.16 -6.89
C56 NSZ D . -10.84 17.82 -6.21
C57 NSZ D . -11.22 16.57 -6.98
C58 NSZ D . -11.99 15.49 -9.22
C59 NSZ D . -11.29 15.19 -10.32
N60 NSZ D . -9.89 14.78 -10.17
SG2 NSZ D . -5.80 6.75 -5.64
#